data_2WLD
#
_entry.id   2WLD
#
_cell.length_a   79.093
_cell.length_b   94.809
_cell.length_c   100.854
_cell.angle_alpha   90.00
_cell.angle_beta   90.00
_cell.angle_gamma   90.00
#
_symmetry.space_group_name_H-M   'P 2 2 2'
#
loop_
_entity.id
_entity.type
_entity.pdbx_description
1 polymer 'POLYSIALIC ACID O-ACETYLTRANSFERASE'
2 non-polymer 'ACETATE ION'
3 non-polymer 1,2-ETHANEDIOL
4 water water
#
_entity_poly.entity_id   1
_entity_poly.type   'polypeptide(L)'
_entity_poly.pdbx_seq_one_letter_code
;MGTHMYSEQGINNTINISTTSLTNATQLTVIGNNNSVYIGNNCKIVSSNIRLKGNNITLFIADDVEIMGLVCSLHSDCSL
QIQAKTTMGNGEITIAEKGKISIGKDCMLAHGYEIRNTDMHPIYSLENGERINHGKDVIIGNHVWLGRNVTILKGVCIPN
NVVVGSHTVLYKSFKEPNCVIAGSPAKIVKENIVWGRKMYHSTMYDDPTLNEFYK
;
_entity_poly.pdbx_strand_id   A,B,C
#
# COMPACT_ATOMS: atom_id res chain seq x y z
N MET A 5 -23.01 12.00 9.55
CA MET A 5 -23.82 13.04 8.87
C MET A 5 -23.35 14.46 9.26
N TYR A 6 -23.42 14.86 10.54
CA TYR A 6 -22.65 16.06 10.92
C TYR A 6 -22.14 16.18 12.34
N SER A 7 -20.99 16.83 12.41
CA SER A 7 -20.48 17.50 13.59
C SER A 7 -20.08 18.90 13.09
N GLU A 8 -21.10 19.73 12.85
CA GLU A 8 -20.98 20.96 12.05
C GLU A 8 -20.79 22.24 12.90
N GLN A 9 -19.59 22.83 12.84
CA GLN A 9 -19.26 23.98 13.69
C GLN A 9 -18.78 25.22 12.93
N GLY A 10 -19.51 26.32 13.03
CA GLY A 10 -19.13 27.58 12.40
C GLY A 10 -20.36 28.34 11.95
N ILE A 11 -20.18 29.29 11.05
CA ILE A 11 -21.28 30.13 10.55
C ILE A 11 -21.71 29.86 9.11
N ASN A 12 -23.02 29.75 8.92
CA ASN A 12 -23.64 29.63 7.59
C ASN A 12 -23.20 28.46 6.74
N ASN A 13 -23.14 27.31 7.40
CA ASN A 13 -22.95 26.08 6.72
C ASN A 13 -24.30 25.49 6.28
N THR A 14 -24.35 24.98 5.06
CA THR A 14 -25.55 24.32 4.56
C THR A 14 -25.26 22.88 4.25
N ILE A 15 -26.03 22.01 4.85
CA ILE A 15 -25.87 20.59 4.66
C ILE A 15 -27.21 20.02 4.24
N ASN A 16 -27.30 19.62 2.98
CA ASN A 16 -28.50 18.98 2.47
CA ASN A 16 -28.50 19.02 2.44
C ASN A 16 -28.21 17.56 2.06
N ILE A 17 -28.65 16.63 2.90
CA ILE A 17 -28.42 15.24 2.65
C ILE A 17 -29.79 14.60 2.51
N SER A 18 -30.04 13.97 1.38
CA SER A 18 -31.36 13.40 1.13
C SER A 18 -31.73 12.41 2.20
N THR A 19 -32.99 12.50 2.62
CA THR A 19 -33.54 11.57 3.60
C THR A 19 -33.57 10.14 3.08
N THR A 20 -33.36 9.94 1.78
CA THR A 20 -33.32 8.59 1.28
C THR A 20 -31.91 8.06 1.21
N SER A 21 -30.95 8.79 1.76
CA SER A 21 -29.57 8.33 1.70
C SER A 21 -29.10 7.77 3.05
N LEU A 22 -28.33 6.67 3.00
CA LEU A 22 -27.82 6.01 4.21
C LEU A 22 -26.44 6.59 4.51
N THR A 23 -26.17 6.89 5.78
CA THR A 23 -24.89 7.50 6.19
C THR A 23 -24.27 6.71 7.35
N ASN A 24 -24.68 5.46 7.48
CA ASN A 24 -24.19 4.57 8.55
C ASN A 24 -22.67 4.59 8.83
N ALA A 25 -22.29 4.90 10.07
CA ALA A 25 -20.89 4.82 10.51
C ALA A 25 -20.03 5.91 9.91
N THR A 26 -20.68 6.93 9.34
CA THR A 26 -19.92 7.96 8.67
C THR A 26 -19.77 9.22 9.51
N GLN A 27 -18.53 9.69 9.61
CA GLN A 27 -18.27 10.95 10.26
C GLN A 27 -18.17 12.01 9.16
N LEU A 28 -19.06 12.99 9.24
CA LEU A 28 -18.95 14.17 8.42
C LEU A 28 -18.68 15.29 9.39
N THR A 29 -17.57 15.99 9.16
CA THR A 29 -17.14 17.01 10.06
C THR A 29 -16.94 18.25 9.21
N VAL A 30 -17.52 19.35 9.66
CA VAL A 30 -17.45 20.58 8.91
C VAL A 30 -17.05 21.62 9.91
N ILE A 31 -15.83 22.13 9.78
CA ILE A 31 -15.29 23.14 10.71
C ILE A 31 -14.86 24.42 9.98
N GLY A 32 -15.63 25.49 10.14
CA GLY A 32 -15.42 26.71 9.38
C GLY A 32 -16.73 27.33 8.93
N ASN A 33 -16.68 28.21 7.93
CA ASN A 33 -17.82 29.05 7.57
C ASN A 33 -18.23 28.91 6.11
N ASN A 34 -19.54 29.04 5.83
CA ASN A 34 -20.01 29.16 4.45
C ASN A 34 -19.67 27.95 3.60
N ASN A 35 -19.65 26.78 4.22
CA ASN A 35 -19.47 25.52 3.54
C ASN A 35 -20.81 24.88 3.12
N SER A 36 -20.82 24.16 2.00
CA SER A 36 -22.06 23.54 1.57
CA SER A 36 -22.05 23.57 1.48
C SER A 36 -21.83 22.12 1.12
N VAL A 37 -22.73 21.27 1.57
CA VAL A 37 -22.67 19.85 1.28
C VAL A 37 -23.99 19.46 0.70
N TYR A 38 -23.94 18.82 -0.46
CA TYR A 38 -25.12 18.26 -1.06
C TYR A 38 -24.88 16.77 -1.31
N ILE A 39 -25.77 15.94 -0.79
CA ILE A 39 -25.77 14.52 -1.14
C ILE A 39 -27.17 14.12 -1.64
N GLY A 40 -27.22 13.53 -2.82
CA GLY A 40 -28.51 13.30 -3.46
C GLY A 40 -29.19 12.04 -2.98
N ASN A 41 -30.04 11.49 -3.84
CA ASN A 41 -30.96 10.44 -3.48
C ASN A 41 -30.38 9.06 -3.59
N ASN A 42 -30.80 8.19 -2.67
CA ASN A 42 -30.46 6.80 -2.74
C ASN A 42 -28.96 6.59 -2.72
N CYS A 43 -28.24 7.42 -1.97
CA CYS A 43 -26.80 7.18 -1.78
C CYS A 43 -26.58 6.27 -0.56
N LYS A 44 -25.41 5.63 -0.54
CA LYS A 44 -24.96 4.82 0.58
C LYS A 44 -23.53 5.23 0.89
N ILE A 45 -23.38 6.10 1.87
CA ILE A 45 -22.08 6.59 2.27
C ILE A 45 -21.78 6.12 3.68
N VAL A 46 -20.99 5.06 3.78
CA VAL A 46 -20.78 4.42 5.06
C VAL A 46 -19.31 4.25 5.45
N SER A 47 -19.09 4.15 6.75
CA SER A 47 -17.76 3.96 7.31
C SER A 47 -16.74 4.93 6.75
N SER A 48 -17.19 6.09 6.35
CA SER A 48 -16.32 7.11 5.77
C SER A 48 -16.02 8.19 6.77
N ASN A 49 -15.02 8.99 6.46
CA ASN A 49 -14.65 10.11 7.30
C ASN A 49 -14.34 11.31 6.43
N ILE A 50 -15.29 12.22 6.37
CA ILE A 50 -15.24 13.35 5.49
C ILE A 50 -15.09 14.63 6.29
N ARG A 51 -13.95 15.28 6.11
CA ARG A 51 -13.63 16.49 6.85
C ARG A 51 -13.51 17.65 5.88
N LEU A 52 -14.37 18.64 6.10
CA LEU A 52 -14.25 19.95 5.48
C LEU A 52 -13.74 20.87 6.53
N LYS A 53 -12.49 21.29 6.41
CA LYS A 53 -11.92 22.22 7.36
C LYS A 53 -11.44 23.46 6.66
N GLY A 54 -12.08 24.58 6.97
CA GLY A 54 -11.86 25.82 6.25
C GLY A 54 -13.17 26.49 5.87
N ASN A 55 -13.10 27.44 4.95
CA ASN A 55 -14.26 28.22 4.55
C ASN A 55 -14.57 28.08 3.08
N ASN A 56 -15.85 28.16 2.75
CA ASN A 56 -16.30 28.26 1.38
C ASN A 56 -16.01 26.99 0.59
N ILE A 57 -16.07 25.85 1.27
CA ILE A 57 -15.85 24.52 0.65
C ILE A 57 -17.14 23.93 0.12
N THR A 58 -17.07 23.21 -1.01
CA THR A 58 -18.29 22.56 -1.52
C THR A 58 -18.04 21.10 -1.77
N LEU A 59 -18.98 20.29 -1.31
CA LEU A 59 -19.01 18.86 -1.59
C LEU A 59 -20.35 18.55 -2.24
N PHE A 60 -20.30 18.00 -3.45
CA PHE A 60 -21.48 17.66 -4.17
C PHE A 60 -21.40 16.17 -4.55
N ILE A 61 -22.35 15.40 -4.02
CA ILE A 61 -22.47 13.98 -4.35
C ILE A 61 -23.86 13.71 -4.96
N ALA A 62 -23.89 13.20 -6.19
CA ALA A 62 -25.13 13.05 -6.91
C ALA A 62 -25.86 11.83 -6.42
N ASP A 63 -26.87 11.44 -7.18
CA ASP A 63 -27.72 10.30 -6.86
C ASP A 63 -27.03 8.96 -7.07
N ASP A 64 -27.43 7.99 -6.25
CA ASP A 64 -27.04 6.58 -6.43
C ASP A 64 -25.54 6.39 -6.29
N VAL A 65 -24.89 7.29 -5.57
CA VAL A 65 -23.47 7.07 -5.26
C VAL A 65 -23.30 6.15 -4.05
N GLU A 66 -22.36 5.21 -4.15
CA GLU A 66 -22.06 4.29 -3.03
C GLU A 66 -20.59 4.35 -2.68
N ILE A 67 -20.33 4.64 -1.40
CA ILE A 67 -19.02 4.93 -0.91
C ILE A 67 -18.87 4.21 0.41
N MET A 68 -17.79 3.44 0.49
CA MET A 68 -17.46 2.67 1.69
C MET A 68 -16.00 2.91 2.14
N GLY A 69 -15.82 3.59 3.26
CA GLY A 69 -14.48 3.80 3.82
C GLY A 69 -13.65 4.84 3.05
N LEU A 70 -14.28 5.94 2.66
CA LEU A 70 -13.56 7.08 2.11
C LEU A 70 -13.05 7.94 3.25
N VAL A 71 -11.76 8.28 3.23
CA VAL A 71 -11.16 9.30 4.09
C VAL A 71 -10.89 10.53 3.20
N CYS A 72 -11.63 11.60 3.46
CA CYS A 72 -11.65 12.75 2.60
C CYS A 72 -11.34 14.00 3.40
N SER A 73 -10.30 14.72 2.94
CA SER A 73 -9.90 15.96 3.54
C SER A 73 -9.99 17.12 2.51
N LEU A 74 -10.81 18.12 2.83
CA LEU A 74 -10.94 19.34 2.04
C LEU A 74 -10.59 20.59 2.84
N HIS A 75 -9.85 21.49 2.18
CA HIS A 75 -9.47 22.75 2.80
C HIS A 75 -10.24 23.92 2.15
N SER A 76 -9.96 25.13 2.64
CA SER A 76 -10.73 26.31 2.25
C SER A 76 -10.84 26.46 0.74
N ASP A 77 -12.03 26.77 0.25
CA ASP A 77 -12.26 27.14 -1.17
C ASP A 77 -12.10 25.97 -2.14
N CYS A 78 -12.02 24.77 -1.59
CA CYS A 78 -11.94 23.55 -2.38
C CYS A 78 -13.33 22.98 -2.71
N SER A 79 -13.36 22.11 -3.70
CA SER A 79 -14.58 21.51 -4.19
CA SER A 79 -14.58 21.52 -4.19
C SER A 79 -14.34 20.09 -4.64
N LEU A 80 -15.23 19.19 -4.21
CA LEU A 80 -15.23 17.83 -4.65
C LEU A 80 -16.63 17.56 -5.17
N GLN A 81 -16.66 17.01 -6.38
CA GLN A 81 -17.88 16.67 -7.01
C GLN A 81 -17.79 15.20 -7.51
N ILE A 82 -18.82 14.42 -7.17
CA ILE A 82 -18.90 13.02 -7.57
C ILE A 82 -20.26 12.76 -8.22
N GLN A 83 -20.26 12.39 -9.49
CA GLN A 83 -21.50 12.29 -10.25
CA GLN A 83 -21.51 12.32 -10.23
C GLN A 83 -22.21 10.96 -10.12
N ALA A 84 -23.41 10.90 -10.68
CA ALA A 84 -24.34 9.81 -10.41
C ALA A 84 -23.81 8.38 -10.68
N LYS A 85 -24.16 7.47 -9.77
CA LYS A 85 -23.96 6.02 -9.92
C LYS A 85 -22.53 5.56 -9.71
N THR A 86 -21.69 6.48 -9.30
CA THR A 86 -20.30 6.12 -9.03
C THR A 86 -20.21 5.31 -7.74
N THR A 87 -19.28 4.36 -7.73
CA THR A 87 -19.08 3.51 -6.57
C THR A 87 -17.62 3.58 -6.18
N MET A 88 -17.36 3.60 -4.89
CA MET A 88 -16.01 3.72 -4.38
C MET A 88 -15.83 2.85 -3.17
N GLY A 89 -14.73 2.10 -3.12
CA GLY A 89 -14.40 1.34 -1.91
C GLY A 89 -13.54 2.22 -1.01
N ASN A 90 -12.74 1.57 -0.16
CA ASN A 90 -11.86 2.29 0.76
C ASN A 90 -10.83 3.14 0.00
N GLY A 91 -10.56 4.35 0.49
CA GLY A 91 -9.52 5.18 -0.11
C GLY A 91 -9.51 6.60 0.42
N GLU A 92 -8.74 7.44 -0.26
CA GLU A 92 -8.35 8.76 0.23
C GLU A 92 -8.42 9.80 -0.83
N ILE A 93 -9.03 10.94 -0.50
CA ILE A 93 -9.07 12.10 -1.38
C ILE A 93 -8.64 13.30 -0.58
N THR A 94 -7.68 14.06 -1.13
CA THR A 94 -7.12 15.23 -0.45
C THR A 94 -7.19 16.36 -1.43
N ILE A 95 -7.84 17.44 -1.02
CA ILE A 95 -7.90 18.65 -1.83
C ILE A 95 -7.42 19.85 -1.02
N ALA A 96 -6.49 20.59 -1.59
CA ALA A 96 -6.01 21.80 -0.98
C ALA A 96 -5.73 22.84 -2.04
N GLU A 97 -5.08 23.94 -1.64
CA GLU A 97 -4.73 25.00 -2.57
C GLU A 97 -5.94 25.55 -3.37
N LYS A 98 -7.08 25.60 -2.68
CA LYS A 98 -8.28 26.19 -3.22
C LYS A 98 -8.65 25.54 -4.53
N GLY A 99 -8.38 24.25 -4.65
CA GLY A 99 -8.56 23.55 -5.93
C GLY A 99 -9.80 22.67 -5.98
N LYS A 100 -9.90 21.87 -7.03
CA LYS A 100 -11.02 20.99 -7.15
C LYS A 100 -10.72 19.64 -7.76
N ILE A 101 -11.58 18.68 -7.46
CA ILE A 101 -11.51 17.36 -8.05
C ILE A 101 -12.92 16.97 -8.45
N SER A 102 -13.06 16.38 -9.61
CA SER A 102 -14.37 15.99 -10.05
C SER A 102 -14.28 14.57 -10.58
N ILE A 103 -15.25 13.78 -10.13
CA ILE A 103 -15.38 12.40 -10.54
C ILE A 103 -16.67 12.22 -11.31
N GLY A 104 -16.60 11.65 -12.51
CA GLY A 104 -17.76 11.54 -13.38
C GLY A 104 -18.80 10.48 -13.01
N LYS A 105 -19.70 10.22 -13.95
CA LYS A 105 -20.81 9.30 -13.73
C LYS A 105 -20.33 7.87 -13.84
N ASP A 106 -20.92 7.01 -13.02
CA ASP A 106 -20.74 5.56 -13.16
C ASP A 106 -19.28 5.14 -13.19
N CYS A 107 -18.46 5.78 -12.36
CA CYS A 107 -17.12 5.30 -12.13
C CYS A 107 -17.15 4.19 -11.10
N MET A 108 -16.09 3.39 -11.08
CA MET A 108 -15.94 2.29 -10.14
C MET A 108 -14.54 2.37 -9.61
N LEU A 109 -14.43 2.81 -8.36
CA LEU A 109 -13.13 3.00 -7.73
C LEU A 109 -12.87 1.92 -6.67
N ALA A 110 -11.91 1.05 -6.94
CA ALA A 110 -11.59 -0.09 -6.05
C ALA A 110 -10.74 0.29 -4.84
N HIS A 111 -10.70 -0.59 -3.84
CA HIS A 111 -9.93 -0.44 -2.60
CA HIS A 111 -9.98 -0.31 -2.60
C HIS A 111 -8.57 0.16 -2.89
N GLY A 112 -8.15 1.15 -2.10
CA GLY A 112 -6.79 1.65 -2.11
C GLY A 112 -6.49 2.87 -2.95
N TYR A 113 -7.51 3.53 -3.48
CA TYR A 113 -7.25 4.74 -4.29
C TYR A 113 -6.69 5.87 -3.43
N GLU A 114 -5.88 6.67 -4.07
CA GLU A 114 -5.43 7.91 -3.49
C GLU A 114 -5.52 8.97 -4.60
N ILE A 115 -6.30 10.00 -4.35
CA ILE A 115 -6.54 11.01 -5.36
C ILE A 115 -6.26 12.34 -4.65
N ARG A 116 -5.42 13.20 -5.20
CA ARG A 116 -4.96 14.48 -4.69
CA ARG A 116 -4.74 14.41 -4.70
C ARG A 116 -4.64 15.48 -5.78
N ASN A 117 -5.02 16.73 -5.46
CA ASN A 117 -4.74 17.84 -6.32
C ASN A 117 -3.47 18.60 -5.87
N THR A 118 -2.75 18.08 -4.89
CA THR A 118 -1.69 18.82 -4.22
C THR A 118 -0.63 17.87 -3.70
N ASP A 119 0.61 18.34 -3.67
CA ASP A 119 1.73 17.64 -3.03
C ASP A 119 1.77 18.03 -1.56
N MET A 120 1.02 19.07 -1.21
CA MET A 120 0.92 19.58 0.16
C MET A 120 2.15 20.38 0.65
N HIS A 121 3.22 20.43 -0.15
CA HIS A 121 4.46 21.16 0.21
C HIS A 121 5.11 21.61 -1.07
N PRO A 122 5.80 22.75 -1.01
CA PRO A 122 6.32 23.37 -2.23
C PRO A 122 7.65 22.80 -2.72
N ILE A 123 7.85 22.83 -4.02
CA ILE A 123 9.13 22.58 -4.63
C ILE A 123 9.46 23.80 -5.49
N TYR A 124 10.66 24.35 -5.30
CA TYR A 124 11.09 25.54 -6.00
C TYR A 124 12.26 25.23 -6.94
N SER A 125 12.31 25.93 -8.06
CA SER A 125 13.42 25.74 -8.97
CA SER A 125 13.44 25.75 -8.98
C SER A 125 14.57 26.63 -8.52
N LEU A 126 15.77 26.07 -8.51
CA LEU A 126 16.93 26.84 -8.09
C LEU A 126 17.26 27.95 -9.10
N GLU A 127 16.82 27.82 -10.33
CA GLU A 127 17.11 28.88 -11.31
C GLU A 127 16.55 30.24 -10.90
N ASN A 128 15.38 30.30 -10.25
CA ASN A 128 14.80 31.60 -10.01
C ASN A 128 14.09 31.64 -8.66
N GLY A 129 14.13 30.56 -7.91
CA GLY A 129 13.45 30.52 -6.62
C GLY A 129 11.97 30.35 -6.65
N GLU A 130 11.38 30.23 -7.84
CA GLU A 130 9.93 30.14 -7.94
C GLU A 130 9.39 28.71 -7.71
N ARG A 131 8.20 28.65 -7.17
CA ARG A 131 7.53 27.39 -6.94
C ARG A 131 7.09 26.78 -8.24
N ILE A 132 7.42 25.51 -8.42
CA ILE A 132 7.08 24.82 -9.67
C ILE A 132 6.01 23.72 -9.55
N ASN A 133 5.50 23.50 -8.36
CA ASN A 133 4.55 22.42 -8.15
C ASN A 133 3.23 22.89 -7.54
N HIS A 134 2.65 23.97 -8.08
CA HIS A 134 1.36 24.45 -7.61
C HIS A 134 0.31 23.35 -7.83
N GLY A 135 -0.67 23.27 -6.96
CA GLY A 135 -1.73 22.33 -7.16
C GLY A 135 -2.45 22.58 -8.45
N LYS A 136 -3.12 21.54 -8.90
CA LYS A 136 -3.77 21.50 -10.19
C LYS A 136 -4.96 20.54 -10.11
N ASP A 137 -6.08 20.96 -10.65
CA ASP A 137 -7.33 20.20 -10.60
C ASP A 137 -7.20 18.78 -11.18
N VAL A 138 -7.98 17.88 -10.63
CA VAL A 138 -8.07 16.53 -11.12
C VAL A 138 -9.47 16.31 -11.73
N ILE A 139 -9.51 15.71 -12.91
CA ILE A 139 -10.75 15.34 -13.57
C ILE A 139 -10.74 13.87 -13.97
N ILE A 140 -11.63 13.12 -13.34
CA ILE A 140 -11.88 11.77 -13.72
C ILE A 140 -13.20 11.76 -14.46
N GLY A 141 -13.12 11.27 -15.70
CA GLY A 141 -14.23 11.25 -16.61
C GLY A 141 -15.28 10.25 -16.20
N ASN A 142 -16.28 10.11 -17.05
CA ASN A 142 -17.35 9.14 -16.86
C ASN A 142 -16.89 7.72 -17.13
N HIS A 143 -17.43 6.81 -16.34
CA HIS A 143 -17.23 5.38 -16.57
C HIS A 143 -15.74 5.05 -16.63
N VAL A 144 -15.05 5.50 -15.60
CA VAL A 144 -13.65 5.17 -15.34
C VAL A 144 -13.60 4.18 -14.19
N TRP A 145 -12.80 3.15 -14.39
CA TRP A 145 -12.58 2.10 -13.40
C TRP A 145 -11.14 2.23 -12.96
N LEU A 146 -10.97 2.56 -11.70
CA LEU A 146 -9.66 2.54 -11.08
C LEU A 146 -9.51 1.20 -10.40
N GLY A 147 -8.57 0.39 -10.84
CA GLY A 147 -8.26 -0.84 -10.14
C GLY A 147 -7.71 -0.57 -8.77
N ARG A 148 -7.36 -1.64 -8.08
CA ARG A 148 -6.90 -1.54 -6.71
C ARG A 148 -5.59 -0.78 -6.58
N ASN A 149 -5.52 -0.02 -5.50
CA ASN A 149 -4.31 0.70 -5.12
C ASN A 149 -3.80 1.61 -6.23
N VAL A 150 -4.68 2.44 -6.75
CA VAL A 150 -4.31 3.36 -7.81
C VAL A 150 -4.12 4.78 -7.23
N THR A 151 -3.13 5.49 -7.71
CA THR A 151 -2.80 6.81 -7.21
C THR A 151 -2.91 7.77 -8.35
N ILE A 152 -3.71 8.80 -8.13
CA ILE A 152 -3.97 9.82 -9.14
C ILE A 152 -3.50 11.17 -8.59
N LEU A 153 -2.53 11.78 -9.26
CA LEU A 153 -1.91 12.97 -8.70
C LEU A 153 -2.39 14.23 -9.37
N LYS A 154 -1.83 15.37 -8.93
CA LYS A 154 -2.36 16.66 -9.33
C LYS A 154 -2.40 16.85 -10.81
N GLY A 155 -3.43 17.53 -11.29
CA GLY A 155 -3.51 17.92 -12.68
C GLY A 155 -3.94 16.83 -13.65
N VAL A 156 -4.08 15.61 -13.17
CA VAL A 156 -4.46 14.49 -14.02
C VAL A 156 -5.94 14.51 -14.41
N CYS A 157 -6.14 14.48 -15.73
CA CYS A 157 -7.40 14.28 -16.39
C CYS A 157 -7.45 12.90 -17.07
N ILE A 158 -8.45 12.11 -16.70
CA ILE A 158 -8.68 10.80 -17.26
C ILE A 158 -9.92 10.84 -18.16
N PRO A 159 -9.77 10.42 -19.42
CA PRO A 159 -10.89 10.39 -20.36
C PRO A 159 -11.91 9.34 -20.00
N ASN A 160 -13.09 9.46 -20.62
CA ASN A 160 -14.19 8.52 -20.47
C ASN A 160 -13.84 7.08 -20.82
N ASN A 161 -14.42 6.17 -20.06
CA ASN A 161 -14.36 4.73 -20.34
C ASN A 161 -12.95 4.24 -20.39
N VAL A 162 -12.29 4.42 -19.26
CA VAL A 162 -10.90 4.04 -19.08
C VAL A 162 -10.80 3.14 -17.89
N VAL A 163 -9.91 2.17 -18.01
CA VAL A 163 -9.60 1.30 -16.91
C VAL A 163 -8.17 1.64 -16.53
N VAL A 164 -7.93 1.92 -15.25
CA VAL A 164 -6.56 2.07 -14.76
C VAL A 164 -6.13 0.81 -14.00
N GLY A 165 -5.05 0.20 -14.47
CA GLY A 165 -4.57 -1.08 -13.93
C GLY A 165 -4.10 -0.96 -12.50
N SER A 166 -4.20 -2.02 -11.73
CA SER A 166 -3.92 -1.87 -10.31
C SER A 166 -2.48 -1.43 -10.09
N HIS A 167 -2.29 -0.66 -9.02
CA HIS A 167 -0.97 -0.18 -8.61
C HIS A 167 -0.31 0.88 -9.51
N THR A 168 -1.00 1.38 -10.52
CA THR A 168 -0.46 2.39 -11.38
C THR A 168 -0.56 3.77 -10.74
N VAL A 169 0.43 4.63 -10.99
CA VAL A 169 0.42 5.99 -10.50
C VAL A 169 0.32 6.88 -11.72
N LEU A 170 -0.66 7.78 -11.79
CA LEU A 170 -0.72 8.75 -12.89
C LEU A 170 -0.22 10.12 -12.44
N TYR A 171 0.79 10.64 -13.14
CA TYR A 171 1.30 12.00 -12.96
C TYR A 171 0.80 12.88 -14.06
N LYS A 172 0.41 12.27 -15.17
CA LYS A 172 0.01 13.00 -16.35
C LYS A 172 -1.36 12.61 -16.89
N SER A 173 -1.97 13.54 -17.60
CA SER A 173 -3.27 13.39 -18.21
C SER A 173 -3.22 12.52 -19.47
N PHE A 174 -4.34 11.88 -19.82
CA PHE A 174 -4.45 11.17 -21.10
C PHE A 174 -5.56 11.76 -21.92
N LYS A 175 -5.53 11.53 -23.22
CA LYS A 175 -6.57 12.01 -24.12
C LYS A 175 -7.46 10.92 -24.78
N GLU A 176 -6.96 9.70 -24.94
CA GLU A 176 -7.71 8.63 -25.61
C GLU A 176 -8.76 7.93 -24.71
N PRO A 177 -10.04 7.95 -25.12
CA PRO A 177 -11.01 7.20 -24.30
C PRO A 177 -10.95 5.71 -24.64
N ASN A 178 -11.59 4.88 -23.82
CA ASN A 178 -11.83 3.48 -24.18
C ASN A 178 -10.55 2.69 -24.17
N CYS A 179 -9.72 2.93 -23.18
CA CYS A 179 -8.45 2.22 -23.16
C CYS A 179 -8.06 1.78 -21.76
N VAL A 180 -7.11 0.85 -21.69
CA VAL A 180 -6.50 0.44 -20.44
C VAL A 180 -5.15 1.15 -20.29
N ILE A 181 -4.91 1.69 -19.09
CA ILE A 181 -3.71 2.44 -18.79
C ILE A 181 -2.98 1.73 -17.67
N ALA A 182 -1.69 1.44 -17.86
CA ALA A 182 -0.89 0.80 -16.80
C ALA A 182 0.62 1.03 -16.95
N GLY A 183 1.38 0.61 -15.94
CA GLY A 183 2.85 0.61 -16.02
C GLY A 183 3.44 1.87 -15.44
N SER A 184 4.77 2.01 -15.54
CA SER A 184 5.45 3.17 -15.05
C SER A 184 6.58 3.59 -16.00
N PRO A 185 6.52 4.82 -16.52
CA PRO A 185 5.40 5.73 -16.31
C PRO A 185 4.11 5.16 -16.89
N ALA A 186 2.97 5.72 -16.52
CA ALA A 186 1.68 5.19 -16.99
C ALA A 186 1.57 5.31 -18.52
N LYS A 187 1.23 4.21 -19.18
CA LYS A 187 1.08 4.15 -20.63
C LYS A 187 -0.23 3.48 -20.99
N ILE A 188 -0.77 3.81 -22.17
CA ILE A 188 -1.89 3.06 -22.74
C ILE A 188 -1.36 1.69 -23.13
N VAL A 189 -2.07 0.65 -22.74
CA VAL A 189 -1.52 -0.68 -22.83
C VAL A 189 -2.44 -1.55 -23.70
N LYS A 190 -3.68 -1.10 -23.87
CA LYS A 190 -4.67 -1.75 -24.73
C LYS A 190 -5.68 -0.69 -25.16
N GLU A 191 -5.95 -0.61 -26.46
CA GLU A 191 -6.89 0.36 -26.99
C GLU A 191 -8.24 -0.31 -27.29
N ASN A 192 -9.28 0.50 -27.39
CA ASN A 192 -10.53 0.07 -27.97
C ASN A 192 -11.29 -0.92 -27.13
N ILE A 193 -11.52 -0.56 -25.88
CA ILE A 193 -12.19 -1.47 -24.99
C ILE A 193 -13.36 -0.80 -24.31
N VAL A 194 -14.11 -1.60 -23.59
CA VAL A 194 -15.16 -1.09 -22.72
C VAL A 194 -15.28 -2.09 -21.57
N TRP A 195 -15.41 -1.54 -20.35
CA TRP A 195 -15.54 -2.37 -19.15
C TRP A 195 -16.98 -2.36 -18.61
N GLY A 196 -17.32 -3.40 -17.87
CA GLY A 196 -18.61 -3.47 -17.22
C GLY A 196 -18.47 -3.92 -15.78
N ARG A 197 -19.58 -3.86 -15.07
CA ARG A 197 -19.60 -4.20 -13.64
C ARG A 197 -19.79 -5.69 -13.37
N LYS A 198 -20.66 -6.33 -14.13
CA LYS A 198 -21.09 -7.69 -13.84
C LYS A 198 -20.50 -8.62 -14.87
N MET A 199 -19.83 -9.69 -14.42
CA MET A 199 -19.14 -10.57 -15.38
C MET A 199 -20.01 -11.75 -15.82
N TYR A 200 -21.32 -11.56 -15.82
CA TYR A 200 -22.20 -12.61 -16.29
C TYR A 200 -22.69 -12.35 -17.72
N HIS A 201 -21.83 -11.77 -18.54
CA HIS A 201 -22.16 -11.49 -19.93
C HIS A 201 -21.03 -11.97 -20.86
N SER A 202 -21.29 -12.96 -21.70
CA SER A 202 -20.24 -13.43 -22.62
C SER A 202 -19.71 -12.29 -23.51
N THR A 203 -20.61 -11.37 -23.89
CA THR A 203 -20.24 -10.24 -24.72
C THR A 203 -20.93 -8.95 -24.25
N MET A 204 -20.41 -7.82 -24.69
CA MET A 204 -20.87 -6.53 -24.19
C MET A 204 -22.31 -6.27 -24.55
N TYR A 205 -22.83 -7.04 -25.51
CA TYR A 205 -24.16 -6.77 -26.02
C TYR A 205 -25.26 -7.18 -25.05
N ASP A 206 -24.92 -7.95 -24.01
CA ASP A 206 -25.89 -8.31 -22.98
C ASP A 206 -25.84 -7.35 -21.79
N ASP A 207 -25.07 -6.27 -21.88
CA ASP A 207 -25.05 -5.26 -20.83
C ASP A 207 -25.70 -4.01 -21.37
N PRO A 208 -26.94 -3.72 -20.92
CA PRO A 208 -27.66 -2.57 -21.40
C PRO A 208 -26.92 -1.26 -21.09
N THR A 209 -26.12 -1.27 -20.03
CA THR A 209 -25.48 -0.02 -19.63
C THR A 209 -24.38 0.37 -20.60
N LEU A 210 -23.99 -0.56 -21.46
CA LEU A 210 -22.82 -0.36 -22.31
C LEU A 210 -23.13 0.14 -23.71
N ASN A 211 -24.40 0.09 -24.08
CA ASN A 211 -24.82 0.51 -25.40
C ASN A 211 -24.29 1.87 -25.86
N GLU A 212 -24.22 2.83 -24.95
CA GLU A 212 -23.77 4.17 -25.33
C GLU A 212 -22.31 4.16 -25.76
N PHE A 213 -21.65 3.02 -25.62
CA PHE A 213 -20.23 2.90 -25.99
C PHE A 213 -19.98 2.13 -27.32
N TYR A 214 -21.01 1.94 -28.15
CA TYR A 214 -20.81 1.36 -29.49
C TYR A 214 -21.95 1.60 -30.47
N MET B 5 -15.86 -16.77 16.21
CA MET B 5 -15.32 -17.69 15.16
C MET B 5 -16.36 -17.98 14.07
N TYR B 6 -16.90 -19.20 14.11
CA TYR B 6 -17.58 -19.82 12.97
C TYR B 6 -19.03 -19.36 12.79
N SER B 7 -19.50 -19.43 11.54
CA SER B 7 -20.86 -19.03 11.20
CA SER B 7 -20.86 -19.03 11.20
C SER B 7 -21.27 -19.66 9.87
N GLU B 8 -22.24 -20.56 9.92
CA GLU B 8 -22.68 -21.27 8.73
C GLU B 8 -24.14 -21.01 8.38
N GLN B 9 -24.45 -21.09 7.09
CA GLN B 9 -25.83 -20.98 6.63
C GLN B 9 -25.95 -21.87 5.39
N GLY B 10 -26.38 -23.12 5.60
CA GLY B 10 -26.45 -24.08 4.53
C GLY B 10 -26.37 -25.51 5.02
N ILE B 11 -26.25 -26.44 4.08
CA ILE B 11 -26.28 -27.86 4.41
C ILE B 11 -25.17 -28.61 3.67
N ASN B 12 -24.76 -29.73 4.27
CA ASN B 12 -23.72 -30.56 3.70
C ASN B 12 -22.43 -29.78 3.55
N ASN B 13 -22.16 -28.95 4.55
CA ASN B 13 -20.90 -28.27 4.63
C ASN B 13 -20.01 -29.08 5.54
N THR B 14 -18.78 -29.30 5.11
CA THR B 14 -17.84 -30.07 5.90
C THR B 14 -16.74 -29.15 6.38
N ILE B 15 -16.73 -28.94 7.69
CA ILE B 15 -15.73 -28.11 8.31
C ILE B 15 -14.93 -28.96 9.27
N ASN B 16 -13.74 -29.35 8.85
CA ASN B 16 -12.87 -30.06 9.78
CA ASN B 16 -12.85 -30.07 9.76
C ASN B 16 -11.58 -29.26 10.00
N ILE B 17 -11.53 -28.64 11.17
CA ILE B 17 -10.43 -27.89 11.64
C ILE B 17 -9.77 -28.79 12.63
N SER B 18 -8.56 -29.21 12.30
CA SER B 18 -7.79 -30.04 13.18
C SER B 18 -7.71 -29.44 14.59
N THR B 19 -7.63 -30.33 15.58
CA THR B 19 -7.68 -30.01 17.01
C THR B 19 -6.50 -29.26 17.62
N THR B 20 -5.35 -29.31 16.96
CA THR B 20 -4.16 -28.69 17.51
C THR B 20 -3.92 -27.31 16.94
N SER B 21 -4.53 -27.03 15.80
CA SER B 21 -4.31 -25.76 15.13
C SER B 21 -5.07 -24.70 15.91
N LEU B 22 -4.59 -23.44 15.87
CA LEU B 22 -5.26 -22.34 16.58
C LEU B 22 -5.82 -21.31 15.61
N THR B 23 -6.97 -20.74 15.96
CA THR B 23 -7.69 -19.84 15.06
C THR B 23 -8.12 -18.53 15.72
N ASN B 24 -7.39 -18.15 16.76
CA ASN B 24 -7.64 -16.90 17.45
C ASN B 24 -8.04 -15.75 16.54
N ALA B 25 -9.11 -15.04 16.94
CA ALA B 25 -9.59 -13.81 16.31
C ALA B 25 -9.94 -13.98 14.85
N THR B 26 -10.09 -15.22 14.42
CA THR B 26 -10.44 -15.49 13.03
C THR B 26 -11.94 -15.73 12.86
N GLN B 27 -12.49 -15.14 11.81
CA GLN B 27 -13.89 -15.32 11.50
C GLN B 27 -13.96 -16.15 10.24
N LEU B 28 -14.75 -17.21 10.30
CA LEU B 28 -14.98 -18.06 9.15
C LEU B 28 -16.45 -18.10 8.85
N THR B 29 -16.81 -17.75 7.63
CA THR B 29 -18.24 -17.79 7.31
C THR B 29 -18.48 -18.52 6.00
N VAL B 30 -19.44 -19.44 6.06
CA VAL B 30 -19.76 -20.32 4.94
C VAL B 30 -21.25 -20.18 4.67
N ILE B 31 -21.57 -19.51 3.57
CA ILE B 31 -22.93 -19.37 3.12
C ILE B 31 -23.08 -20.16 1.84
N GLY B 32 -23.93 -21.17 1.82
CA GLY B 32 -23.96 -22.04 0.65
C GLY B 32 -23.84 -23.50 1.03
N ASN B 33 -23.59 -24.35 0.03
CA ASN B 33 -23.82 -25.79 0.21
C ASN B 33 -22.75 -26.69 -0.45
N ASN B 34 -22.61 -27.90 0.06
CA ASN B 34 -21.62 -28.83 -0.46
C ASN B 34 -20.24 -28.20 -0.50
N ASN B 35 -19.94 -27.38 0.50
CA ASN B 35 -18.61 -26.78 0.63
C ASN B 35 -17.72 -27.57 1.60
N SER B 36 -16.40 -27.49 1.44
CA SER B 36 -15.50 -28.09 2.42
C SER B 36 -14.34 -27.19 2.86
N VAL B 37 -14.20 -27.08 4.18
CA VAL B 37 -13.07 -26.44 4.81
C VAL B 37 -12.24 -27.50 5.51
N TYR B 38 -10.92 -27.44 5.29
CA TYR B 38 -9.99 -28.33 5.95
C TYR B 38 -8.74 -27.61 6.39
N ILE B 39 -8.51 -27.62 7.70
CA ILE B 39 -7.30 -27.05 8.28
C ILE B 39 -6.63 -28.15 9.09
N GLY B 40 -5.33 -28.36 8.87
CA GLY B 40 -4.61 -29.45 9.50
C GLY B 40 -4.00 -29.08 10.83
N ASN B 41 -3.24 -30.02 11.40
CA ASN B 41 -2.41 -29.70 12.54
C ASN B 41 -1.18 -29.08 11.94
N ASN B 42 -0.38 -28.37 12.72
CA ASN B 42 -0.83 -27.65 13.88
C ASN B 42 -0.75 -26.23 13.34
N CYS B 43 -1.83 -25.78 12.72
CA CYS B 43 -1.83 -24.50 12.04
C CYS B 43 -2.09 -23.35 13.00
N LYS B 44 -1.60 -22.18 12.60
CA LYS B 44 -1.88 -20.94 13.32
C LYS B 44 -2.57 -20.01 12.33
N ILE B 45 -3.87 -19.90 12.48
CA ILE B 45 -4.66 -19.10 11.56
C ILE B 45 -5.42 -18.06 12.37
N VAL B 46 -4.80 -16.88 12.40
CA VAL B 46 -5.04 -15.86 13.39
C VAL B 46 -5.54 -14.60 12.68
N SER B 47 -6.37 -13.84 13.39
CA SER B 47 -6.84 -12.52 12.95
C SER B 47 -7.17 -12.48 11.46
N SER B 48 -7.78 -13.53 10.96
CA SER B 48 -8.13 -13.57 9.56
C SER B 48 -9.65 -13.55 9.36
N ASN B 49 -10.04 -13.19 8.14
CA ASN B 49 -11.45 -13.16 7.77
CA ASN B 49 -11.45 -13.16 7.78
C ASN B 49 -11.65 -13.92 6.47
N ILE B 50 -12.28 -15.09 6.58
CA ILE B 50 -12.40 -16.00 5.45
C ILE B 50 -13.85 -16.24 5.10
N ARG B 51 -14.20 -15.94 3.87
CA ARG B 51 -15.58 -16.03 3.42
C ARG B 51 -15.73 -17.01 2.28
N LEU B 52 -16.65 -17.95 2.44
CA LEU B 52 -17.04 -18.85 1.35
C LEU B 52 -18.49 -18.61 1.05
N LYS B 53 -18.79 -18.15 -0.14
CA LYS B 53 -20.19 -17.95 -0.52
C LYS B 53 -20.48 -18.67 -1.81
N GLY B 54 -21.31 -19.70 -1.73
CA GLY B 54 -21.62 -20.47 -2.91
C GLY B 54 -21.65 -21.95 -2.61
N ASN B 55 -21.49 -22.73 -3.66
CA ASN B 55 -21.58 -24.17 -3.59
C ASN B 55 -20.27 -24.79 -4.07
N ASN B 56 -19.93 -25.96 -3.54
CA ASN B 56 -18.80 -26.78 -4.04
C ASN B 56 -17.48 -26.02 -4.04
N ILE B 57 -17.29 -25.26 -2.97
CA ILE B 57 -16.06 -24.54 -2.73
C ILE B 57 -15.15 -25.40 -1.86
N THR B 58 -13.86 -25.32 -2.17
CA THR B 58 -12.86 -26.04 -1.43
C THR B 58 -11.77 -25.14 -0.86
N LEU B 59 -11.65 -25.18 0.46
CA LEU B 59 -10.55 -24.53 1.15
C LEU B 59 -9.73 -25.60 1.85
N PHE B 60 -8.50 -25.78 1.37
CA PHE B 60 -7.56 -26.74 1.94
C PHE B 60 -6.27 -26.07 2.39
N ILE B 61 -6.07 -26.09 3.70
CA ILE B 61 -4.85 -25.62 4.34
C ILE B 61 -4.16 -26.83 5.02
N ALA B 62 -2.97 -27.17 4.56
CA ALA B 62 -2.26 -28.35 5.01
C ALA B 62 -1.61 -28.13 6.36
N ASP B 63 -0.85 -29.12 6.83
CA ASP B 63 -0.25 -29.08 8.14
C ASP B 63 0.75 -27.94 8.20
N ASP B 64 0.97 -27.40 9.40
CA ASP B 64 2.13 -26.56 9.63
C ASP B 64 2.04 -25.27 8.85
N VAL B 65 0.82 -24.77 8.65
CA VAL B 65 0.64 -23.46 7.99
C VAL B 65 0.33 -22.37 9.01
N GLU B 66 1.08 -21.27 8.93
CA GLU B 66 0.87 -20.11 9.81
C GLU B 66 0.43 -18.91 8.97
N ILE B 67 -0.77 -18.43 9.25
CA ILE B 67 -1.35 -17.30 8.56
C ILE B 67 -1.81 -16.28 9.57
N MET B 68 -1.51 -15.01 9.33
CA MET B 68 -1.99 -13.96 10.20
C MET B 68 -2.45 -12.76 9.38
N GLY B 69 -3.74 -12.41 9.51
CA GLY B 69 -4.30 -11.22 8.87
C GLY B 69 -4.69 -11.45 7.42
N LEU B 70 -5.13 -12.66 7.10
CA LEU B 70 -5.60 -12.98 5.74
C LEU B 70 -7.06 -12.57 5.61
N VAL B 71 -7.36 -11.79 4.55
CA VAL B 71 -8.73 -11.56 4.10
C VAL B 71 -8.94 -12.43 2.85
N CYS B 72 -9.86 -13.38 2.93
CA CYS B 72 -10.02 -14.36 1.84
C CYS B 72 -11.47 -14.42 1.40
N SER B 73 -11.73 -14.15 0.13
CA SER B 73 -13.08 -14.30 -0.42
C SER B 73 -13.12 -15.38 -1.51
N LEU B 74 -13.98 -16.38 -1.30
CA LEU B 74 -14.11 -17.51 -2.23
C LEU B 74 -15.54 -17.62 -2.73
N HIS B 75 -15.71 -17.64 -4.05
CA HIS B 75 -17.03 -17.82 -4.65
C HIS B 75 -17.28 -19.25 -5.13
N SER B 76 -18.48 -19.46 -5.67
CA SER B 76 -18.94 -20.79 -6.00
C SER B 76 -17.96 -21.57 -6.89
N ASP B 77 -17.78 -22.85 -6.53
CA ASP B 77 -16.95 -23.82 -7.28
C ASP B 77 -15.48 -23.42 -7.39
N CYS B 78 -15.04 -22.55 -6.48
CA CYS B 78 -13.63 -22.16 -6.43
C CYS B 78 -12.86 -23.03 -5.44
N SER B 79 -11.53 -23.05 -5.57
CA SER B 79 -10.71 -23.75 -4.57
C SER B 79 -9.37 -23.07 -4.30
N LEU B 80 -9.06 -22.94 -3.02
CA LEU B 80 -7.78 -22.42 -2.59
C LEU B 80 -7.06 -23.60 -1.95
N GLN B 81 -5.84 -23.89 -2.40
CA GLN B 81 -5.02 -24.93 -1.78
C GLN B 81 -3.69 -24.36 -1.30
N ILE B 82 -3.43 -24.49 -0.02
CA ILE B 82 -2.21 -23.99 0.56
C ILE B 82 -1.43 -25.17 1.18
N GLN B 83 -0.24 -25.48 0.66
CA GLN B 83 0.49 -26.68 1.14
C GLN B 83 1.29 -26.43 2.42
N ALA B 84 1.83 -27.51 2.94
CA ALA B 84 2.38 -27.55 4.28
C ALA B 84 3.58 -26.65 4.42
N LYS B 85 3.70 -26.03 5.59
CA LYS B 85 4.88 -25.30 5.95
C LYS B 85 4.85 -23.88 5.43
N THR B 86 3.78 -23.52 4.75
CA THR B 86 3.67 -22.18 4.23
C THR B 86 3.31 -21.23 5.36
N THR B 87 4.00 -20.09 5.36
CA THR B 87 3.77 -19.02 6.31
C THR B 87 3.27 -17.79 5.53
N MET B 88 2.35 -17.04 6.12
CA MET B 88 1.77 -15.89 5.44
C MET B 88 1.45 -14.80 6.43
N GLY B 89 1.87 -13.56 6.12
CA GLY B 89 1.48 -12.39 6.89
C GLY B 89 0.14 -11.82 6.42
N ASN B 90 -0.07 -10.53 6.66
CA ASN B 90 -1.26 -9.83 6.21
C ASN B 90 -1.38 -9.80 4.69
N GLY B 91 -2.59 -10.02 4.21
CA GLY B 91 -2.83 -9.97 2.77
C GLY B 91 -4.22 -10.42 2.38
N GLU B 92 -4.41 -10.58 1.08
CA GLU B 92 -5.71 -10.75 0.54
C GLU B 92 -5.66 -11.71 -0.62
N ILE B 93 -6.60 -12.66 -0.62
CA ILE B 93 -6.74 -13.61 -1.70
C ILE B 93 -8.19 -13.63 -2.17
N THR B 94 -8.37 -13.45 -3.49
CA THR B 94 -9.72 -13.44 -4.06
C THR B 94 -9.83 -14.48 -5.17
N ILE B 95 -10.81 -15.38 -5.07
CA ILE B 95 -11.02 -16.35 -6.13
C ILE B 95 -12.46 -16.31 -6.65
N ALA B 96 -12.60 -16.21 -7.95
CA ALA B 96 -13.91 -16.19 -8.57
C ALA B 96 -13.84 -16.93 -9.88
N GLU B 97 -14.97 -16.99 -10.56
CA GLU B 97 -15.07 -17.60 -11.88
C GLU B 97 -14.68 -19.04 -11.82
N LYS B 98 -15.07 -19.71 -10.74
CA LYS B 98 -14.91 -21.16 -10.61
C LYS B 98 -13.45 -21.58 -10.80
N GLY B 99 -12.53 -20.68 -10.49
CA GLY B 99 -11.12 -20.96 -10.72
C GLY B 99 -10.45 -21.56 -9.50
N LYS B 100 -9.13 -21.65 -9.59
CA LYS B 100 -8.35 -22.15 -8.47
C LYS B 100 -7.03 -21.38 -8.29
N ILE B 101 -6.61 -21.31 -7.04
CA ILE B 101 -5.31 -20.79 -6.69
C ILE B 101 -4.66 -21.84 -5.82
N SER B 102 -3.43 -22.20 -6.15
CA SER B 102 -2.67 -23.12 -5.31
C SER B 102 -1.35 -22.49 -4.90
N ILE B 103 -1.02 -22.67 -3.62
CA ILE B 103 0.21 -22.19 -3.06
C ILE B 103 0.96 -23.38 -2.49
N GLY B 104 2.12 -23.65 -3.09
CA GLY B 104 2.95 -24.76 -2.76
C GLY B 104 3.48 -24.79 -1.33
N LYS B 105 4.32 -25.78 -1.05
CA LYS B 105 4.82 -25.97 0.30
C LYS B 105 6.02 -25.11 0.67
N ASP B 106 6.03 -24.73 1.93
CA ASP B 106 7.12 -24.00 2.51
C ASP B 106 7.28 -22.66 1.80
N CYS B 107 6.18 -21.98 1.59
CA CYS B 107 6.27 -20.64 1.07
C CYS B 107 6.43 -19.67 2.24
N MET B 108 6.95 -18.48 1.93
CA MET B 108 6.99 -17.39 2.88
C MET B 108 6.42 -16.13 2.22
N LEU B 109 5.19 -15.78 2.58
CA LEU B 109 4.53 -14.62 1.99
C LEU B 109 4.50 -13.48 2.99
N ALA B 110 5.22 -12.43 2.63
CA ALA B 110 5.36 -11.25 3.46
C ALA B 110 4.13 -10.36 3.36
N HIS B 111 3.94 -9.56 4.39
CA HIS B 111 2.80 -8.67 4.48
C HIS B 111 2.53 -7.94 3.16
N GLY B 112 1.25 -7.73 2.86
CA GLY B 112 0.84 -6.90 1.75
C GLY B 112 0.56 -7.65 0.47
N TYR B 113 0.56 -8.98 0.50
CA TYR B 113 0.37 -9.72 -0.74
C TYR B 113 -1.08 -9.54 -1.18
N GLU B 114 -1.28 -9.45 -2.48
CA GLU B 114 -2.60 -9.46 -3.07
C GLU B 114 -2.52 -10.54 -4.08
N ILE B 115 -3.42 -11.50 -3.99
CA ILE B 115 -3.38 -12.61 -4.91
C ILE B 115 -4.78 -12.88 -5.42
N ARG B 116 -4.92 -13.06 -6.73
CA ARG B 116 -6.24 -13.27 -7.30
C ARG B 116 -6.18 -13.84 -8.72
N ASN B 117 -7.22 -14.60 -9.05
CA ASN B 117 -7.31 -15.26 -10.34
C ASN B 117 -8.26 -14.53 -11.27
N THR B 118 -8.67 -13.32 -10.86
CA THR B 118 -9.80 -12.62 -11.48
C THR B 118 -9.64 -11.12 -11.33
N ASP B 119 -10.22 -10.35 -12.25
CA ASP B 119 -10.34 -8.90 -12.09
C ASP B 119 -11.67 -8.53 -11.45
N MET B 120 -12.55 -9.52 -11.34
CA MET B 120 -13.88 -9.30 -10.74
C MET B 120 -14.84 -8.57 -11.67
N HIS B 121 -14.33 -7.96 -12.73
CA HIS B 121 -15.20 -7.23 -13.67
C HIS B 121 -14.68 -7.41 -15.06
N PRO B 122 -15.61 -7.46 -16.01
CA PRO B 122 -15.30 -7.75 -17.40
C PRO B 122 -14.77 -6.54 -18.16
N ILE B 123 -13.80 -6.83 -19.03
CA ILE B 123 -13.34 -5.89 -20.04
C ILE B 123 -13.59 -6.50 -21.40
N TYR B 124 -14.28 -5.77 -22.27
CA TYR B 124 -14.61 -6.22 -23.62
C TYR B 124 -13.90 -5.40 -24.69
N SER B 125 -13.59 -6.06 -25.80
CA SER B 125 -13.13 -5.37 -26.99
C SER B 125 -14.31 -4.73 -27.71
N LEU B 126 -14.16 -3.46 -28.08
CA LEU B 126 -15.12 -2.78 -28.95
C LEU B 126 -15.02 -3.30 -30.37
N GLU B 127 -13.93 -4.01 -30.67
CA GLU B 127 -13.68 -4.50 -32.01
C GLU B 127 -14.67 -5.63 -32.33
N ASN B 128 -14.91 -6.52 -31.38
CA ASN B 128 -15.80 -7.64 -31.62
C ASN B 128 -16.77 -7.96 -30.47
N GLY B 129 -16.76 -7.13 -29.44
CA GLY B 129 -17.67 -7.25 -28.30
C GLY B 129 -17.37 -8.39 -27.35
N GLU B 130 -16.25 -9.09 -27.55
CA GLU B 130 -15.96 -10.24 -26.71
C GLU B 130 -15.25 -9.83 -25.43
N ARG B 131 -15.43 -10.63 -24.39
CA ARG B 131 -14.71 -10.44 -23.15
C ARG B 131 -13.27 -10.87 -23.32
N ILE B 132 -12.32 -10.13 -22.77
CA ILE B 132 -10.93 -10.46 -23.02
C ILE B 132 -10.10 -10.59 -21.75
N ASN B 133 -10.75 -10.52 -20.60
CA ASN B 133 -10.04 -10.69 -19.33
C ASN B 133 -10.64 -11.81 -18.49
N HIS B 134 -10.98 -12.92 -19.13
CA HIS B 134 -11.53 -14.06 -18.40
C HIS B 134 -10.56 -14.41 -17.29
N GLY B 135 -11.06 -14.85 -16.16
CA GLY B 135 -10.19 -15.29 -15.06
C GLY B 135 -9.30 -16.49 -15.41
N LYS B 136 -8.16 -16.60 -14.74
CA LYS B 136 -7.23 -17.72 -14.98
C LYS B 136 -6.53 -18.16 -13.71
N ASP B 137 -6.33 -19.47 -13.58
CA ASP B 137 -5.78 -20.05 -12.36
C ASP B 137 -4.39 -19.54 -12.01
N VAL B 138 -4.13 -19.43 -10.71
CA VAL B 138 -2.85 -18.99 -10.24
C VAL B 138 -2.14 -20.17 -9.58
N ILE B 139 -0.93 -20.42 -10.04
CA ILE B 139 -0.11 -21.48 -9.48
C ILE B 139 1.17 -20.88 -8.90
N ILE B 140 1.29 -20.99 -7.58
CA ILE B 140 2.46 -20.52 -6.86
C ILE B 140 3.19 -21.75 -6.35
N GLY B 141 4.38 -21.98 -6.85
CA GLY B 141 5.08 -23.23 -6.62
C GLY B 141 5.63 -23.40 -5.21
N ASN B 142 6.38 -24.49 -5.01
CA ASN B 142 6.99 -24.79 -3.73
C ASN B 142 8.11 -23.82 -3.42
N HIS B 143 8.30 -23.53 -2.14
CA HIS B 143 9.39 -22.69 -1.68
C HIS B 143 9.45 -21.38 -2.49
N VAL B 144 8.36 -20.63 -2.45
CA VAL B 144 8.29 -19.31 -3.07
C VAL B 144 8.27 -18.23 -1.99
N TRP B 145 9.13 -17.24 -2.17
CA TRP B 145 9.19 -16.13 -1.23
C TRP B 145 8.72 -14.86 -1.93
N LEU B 146 7.59 -14.35 -1.45
CA LEU B 146 7.03 -13.08 -1.93
C LEU B 146 7.44 -12.04 -0.92
N GLY B 147 8.20 -11.04 -1.38
CA GLY B 147 8.55 -9.92 -0.53
C GLY B 147 7.33 -9.07 -0.27
N ARG B 148 7.50 -8.06 0.57
CA ARG B 148 6.43 -7.10 0.86
C ARG B 148 5.64 -6.58 -0.33
N ASN B 149 4.34 -6.40 -0.11
CA ASN B 149 3.47 -5.73 -1.05
C ASN B 149 3.67 -6.20 -2.47
N VAL B 150 3.71 -7.52 -2.62
CA VAL B 150 3.73 -8.13 -3.92
C VAL B 150 2.31 -8.47 -4.40
N THR B 151 2.10 -8.30 -5.70
CA THR B 151 0.79 -8.53 -6.29
C THR B 151 0.89 -9.60 -7.37
N ILE B 152 0.10 -10.65 -7.20
CA ILE B 152 0.12 -11.79 -8.11
C ILE B 152 -1.27 -11.89 -8.78
N LEU B 153 -1.30 -11.65 -10.09
CA LEU B 153 -2.54 -11.46 -10.81
C LEU B 153 -2.93 -12.74 -11.58
N LYS B 154 -4.09 -12.69 -12.24
CA LYS B 154 -4.68 -13.88 -12.77
C LYS B 154 -3.73 -14.64 -13.72
N GLY B 155 -3.74 -15.95 -13.62
CA GLY B 155 -3.09 -16.84 -14.59
C GLY B 155 -1.59 -16.94 -14.43
N VAL B 156 -1.04 -16.22 -13.46
CA VAL B 156 0.40 -16.25 -13.24
C VAL B 156 0.85 -17.55 -12.58
N CYS B 157 1.82 -18.22 -13.19
CA CYS B 157 2.46 -19.37 -12.56
C CYS B 157 3.87 -19.07 -12.15
N ILE B 158 4.16 -19.30 -10.87
CA ILE B 158 5.49 -19.09 -10.33
C ILE B 158 6.20 -20.40 -10.06
N PRO B 159 7.38 -20.59 -10.66
CA PRO B 159 8.13 -21.85 -10.43
C PRO B 159 8.59 -22.02 -8.97
N ASN B 160 9.11 -23.21 -8.67
CA ASN B 160 9.64 -23.55 -7.35
C ASN B 160 10.88 -22.71 -6.99
N ASN B 161 11.05 -22.44 -5.71
CA ASN B 161 12.24 -21.74 -5.22
C ASN B 161 12.51 -20.45 -6.00
N VAL B 162 11.55 -19.56 -5.95
CA VAL B 162 11.65 -18.27 -6.62
C VAL B 162 11.44 -17.23 -5.53
N VAL B 163 12.14 -16.11 -5.65
CA VAL B 163 11.94 -14.97 -4.76
C VAL B 163 11.36 -13.86 -5.60
N VAL B 164 10.34 -13.20 -5.10
CA VAL B 164 9.77 -12.06 -5.81
C VAL B 164 10.04 -10.82 -4.97
N GLY B 165 10.72 -9.86 -5.59
CA GLY B 165 11.16 -8.67 -4.90
C GLY B 165 10.01 -7.79 -4.49
N SER B 166 10.21 -7.12 -3.36
CA SER B 166 9.24 -6.23 -2.75
C SER B 166 8.57 -5.28 -3.75
N HIS B 167 7.25 -5.14 -3.61
CA HIS B 167 6.40 -4.24 -4.40
C HIS B 167 6.32 -4.60 -5.89
N THR B 168 6.85 -5.77 -6.27
CA THR B 168 6.71 -6.23 -7.65
C THR B 168 5.27 -6.67 -7.98
N VAL B 169 4.81 -6.32 -9.16
CA VAL B 169 3.53 -6.76 -9.67
C VAL B 169 3.73 -7.82 -10.76
N LEU B 170 3.19 -9.01 -10.55
CA LEU B 170 3.27 -10.03 -11.60
C LEU B 170 1.99 -10.16 -12.44
N TYR B 171 2.15 -10.00 -13.75
CA TYR B 171 1.10 -10.12 -14.77
C TYR B 171 1.26 -11.43 -15.56
N LYS B 172 2.48 -11.94 -15.65
CA LYS B 172 2.78 -13.08 -16.52
C LYS B 172 3.49 -14.19 -15.76
N SER B 173 3.42 -15.39 -16.34
CA SER B 173 4.10 -16.56 -15.81
C SER B 173 5.59 -16.49 -16.13
N PHE B 174 6.39 -17.09 -15.27
CA PHE B 174 7.80 -17.38 -15.57
C PHE B 174 7.98 -18.90 -15.56
N LYS B 175 9.07 -19.37 -16.15
CA LYS B 175 9.32 -20.81 -16.28
C LYS B 175 10.53 -21.28 -15.48
N GLU B 176 11.50 -20.38 -15.28
CA GLU B 176 12.79 -20.71 -14.66
C GLU B 176 12.74 -20.71 -13.13
N PRO B 177 13.22 -21.79 -12.50
CA PRO B 177 13.24 -21.80 -11.04
C PRO B 177 14.56 -21.24 -10.49
N ASN B 178 14.68 -21.17 -9.17
CA ASN B 178 15.94 -20.80 -8.55
C ASN B 178 16.37 -19.40 -8.96
N CYS B 179 15.41 -18.49 -9.13
CA CYS B 179 15.71 -17.16 -9.61
C CYS B 179 15.02 -16.06 -8.78
N VAL B 180 15.46 -14.83 -8.95
CA VAL B 180 14.81 -13.73 -8.26
C VAL B 180 14.14 -12.91 -9.32
N ILE B 181 12.94 -12.43 -9.01
CA ILE B 181 12.18 -11.66 -9.97
C ILE B 181 11.76 -10.37 -9.31
N ALA B 182 12.02 -9.26 -9.98
CA ALA B 182 11.64 -7.94 -9.47
C ALA B 182 11.50 -7.01 -10.65
N GLY B 183 11.19 -5.74 -10.37
CA GLY B 183 11.08 -4.74 -11.42
C GLY B 183 9.69 -4.64 -12.03
N SER B 184 9.55 -3.65 -12.89
CA SER B 184 8.33 -3.33 -13.58
C SER B 184 8.76 -2.89 -14.95
N PRO B 185 8.41 -3.66 -15.98
CA PRO B 185 7.72 -4.94 -15.89
C PRO B 185 8.55 -5.99 -15.15
N ALA B 186 7.88 -6.93 -14.50
CA ALA B 186 8.54 -7.93 -13.71
C ALA B 186 9.56 -8.69 -14.54
N LYS B 187 10.70 -9.00 -13.95
CA LYS B 187 11.79 -9.61 -14.71
C LYS B 187 12.67 -10.46 -13.85
N ILE B 188 13.29 -11.49 -14.43
CA ILE B 188 14.34 -12.25 -13.75
C ILE B 188 15.55 -11.32 -13.59
N VAL B 189 15.99 -11.11 -12.37
CA VAL B 189 17.09 -10.19 -12.13
C VAL B 189 18.28 -10.90 -11.54
N LYS B 190 18.08 -12.13 -11.08
CA LYS B 190 19.17 -12.93 -10.53
C LYS B 190 18.82 -14.42 -10.73
N GLU B 191 19.81 -15.23 -11.10
CA GLU B 191 19.61 -16.66 -11.37
C GLU B 191 20.47 -17.56 -10.49
N ASN B 192 20.00 -18.79 -10.29
CA ASN B 192 20.79 -19.84 -9.63
C ASN B 192 20.99 -19.59 -8.14
N ILE B 193 19.88 -19.30 -7.46
CA ILE B 193 19.89 -19.06 -6.02
C ILE B 193 18.90 -19.95 -5.31
N VAL B 194 18.99 -19.92 -3.98
CA VAL B 194 18.05 -20.59 -3.12
C VAL B 194 17.93 -19.73 -1.87
N TRP B 195 16.70 -19.44 -1.48
CA TRP B 195 16.46 -18.64 -0.28
C TRP B 195 16.18 -19.53 0.92
N GLY B 196 16.42 -18.98 2.10
CA GLY B 196 16.09 -19.70 3.32
C GLY B 196 15.45 -18.76 4.31
N ARG B 197 14.99 -19.28 5.43
CA ARG B 197 14.27 -18.47 6.40
C ARG B 197 15.17 -17.80 7.42
N LYS B 198 16.31 -18.44 7.71
CA LYS B 198 17.15 -18.10 8.85
C LYS B 198 18.49 -17.51 8.43
N MET B 199 18.75 -16.26 8.80
CA MET B 199 20.02 -15.62 8.50
C MET B 199 21.11 -16.22 9.35
N TYR B 200 20.72 -17.05 10.32
CA TYR B 200 21.67 -17.69 11.19
C TYR B 200 22.15 -19.01 10.60
N HIS B 201 21.54 -19.47 9.52
CA HIS B 201 22.15 -20.49 8.67
C HIS B 201 23.02 -19.79 7.63
N SER B 202 24.35 -19.96 7.73
CA SER B 202 25.25 -19.14 6.94
C SER B 202 25.45 -19.67 5.53
N THR B 203 25.30 -20.96 5.32
CA THR B 203 25.33 -21.50 3.96
C THR B 203 24.05 -22.26 3.77
N MET B 204 23.77 -22.65 2.54
CA MET B 204 22.54 -23.37 2.26
C MET B 204 22.63 -24.76 2.92
N TYR B 205 23.85 -25.19 3.16
CA TYR B 205 24.09 -26.54 3.68
C TYR B 205 23.74 -26.65 5.15
N ASP B 206 23.59 -25.52 5.82
CA ASP B 206 23.37 -25.53 7.25
C ASP B 206 21.89 -25.47 7.56
N ASP B 207 21.07 -25.56 6.52
CA ASP B 207 19.62 -25.49 6.70
C ASP B 207 19.02 -26.80 6.22
N PRO B 208 18.57 -27.63 7.17
CA PRO B 208 18.07 -28.96 6.79
C PRO B 208 17.01 -28.84 5.71
N THR B 209 16.24 -27.75 5.74
CA THR B 209 15.12 -27.55 4.83
C THR B 209 15.50 -27.47 3.35
N LEU B 210 16.76 -27.16 3.06
CA LEU B 210 17.14 -26.77 1.70
C LEU B 210 17.74 -27.92 0.87
N ASN B 211 18.13 -28.99 1.54
CA ASN B 211 18.86 -30.08 0.89
C ASN B 211 18.39 -30.38 -0.54
N GLU B 212 17.09 -30.29 -0.78
CA GLU B 212 16.53 -30.75 -2.06
C GLU B 212 16.94 -29.85 -3.21
N PHE B 213 17.05 -28.56 -2.93
CA PHE B 213 17.17 -27.58 -3.98
C PHE B 213 18.57 -27.53 -4.59
N TYR B 214 19.55 -28.13 -3.94
CA TYR B 214 20.85 -28.27 -4.58
C TYR B 214 21.18 -29.72 -4.91
N LYS B 215 20.37 -30.64 -4.39
CA LYS B 215 20.50 -32.05 -4.71
C LYS B 215 21.94 -32.40 -5.10
N MET C 5 5.97 3.97 30.75
CA MET C 5 6.02 3.86 29.26
C MET C 5 6.94 2.73 28.80
N TYR C 6 8.20 2.78 29.25
CA TYR C 6 9.17 1.84 28.73
C TYR C 6 9.54 0.76 29.71
N SER C 7 9.81 -0.41 29.16
CA SER C 7 10.35 -1.51 29.91
C SER C 7 11.71 -1.88 29.32
N GLU C 8 12.59 -2.31 30.22
CA GLU C 8 14.00 -2.39 29.95
C GLU C 8 14.57 -3.45 30.87
N GLN C 9 15.14 -4.51 30.30
CA GLN C 9 15.90 -5.48 31.10
C GLN C 9 17.32 -5.70 30.56
N GLY C 10 18.26 -5.88 31.49
CA GLY C 10 19.65 -6.10 31.14
C GLY C 10 20.58 -5.15 31.87
N ILE C 11 21.79 -4.99 31.33
CA ILE C 11 22.88 -4.30 32.02
C ILE C 11 23.43 -3.15 31.24
N ASN C 12 23.81 -2.11 31.96
CA ASN C 12 24.26 -0.85 31.37
C ASN C 12 23.46 -0.45 30.12
N ASN C 13 22.13 -0.50 30.22
CA ASN C 13 21.25 0.18 29.26
C ASN C 13 21.03 1.59 29.73
N THR C 14 21.24 2.55 28.84
CA THR C 14 21.04 3.96 29.19
C THR C 14 19.85 4.52 28.40
N ILE C 15 18.91 5.09 29.12
CA ILE C 15 17.72 5.65 28.49
C ILE C 15 17.58 7.10 28.89
N ASN C 16 17.78 7.98 27.91
CA ASN C 16 17.73 9.42 28.10
C ASN C 16 16.66 10.03 27.22
N ILE C 17 15.54 10.36 27.86
CA ILE C 17 14.40 10.94 27.20
C ILE C 17 14.10 12.27 27.83
N SER C 18 14.25 13.37 27.09
CA SER C 18 14.05 14.69 27.69
C SER C 18 12.65 14.84 28.27
N THR C 19 12.58 15.59 29.36
CA THR C 19 11.30 15.87 30.01
C THR C 19 10.43 16.87 29.22
N THR C 20 10.92 17.38 28.11
CA THR C 20 10.14 18.36 27.33
C THR C 20 9.62 17.71 26.06
N SER C 21 9.74 16.39 26.00
CA SER C 21 9.33 15.61 24.88
C SER C 21 8.09 14.81 25.22
N LEU C 22 7.24 14.61 24.22
CA LEU C 22 6.01 13.89 24.42
C LEU C 22 6.22 12.50 23.84
N THR C 23 5.70 11.50 24.54
CA THR C 23 5.81 10.13 24.09
C THR C 23 4.47 9.40 24.23
N ASN C 24 3.38 10.18 24.28
CA ASN C 24 2.04 9.61 24.40
C ASN C 24 1.83 8.38 23.51
N ALA C 25 1.38 7.30 24.13
CA ALA C 25 0.94 6.10 23.44
C ALA C 25 2.07 5.39 22.72
N THR C 26 3.30 5.73 23.07
CA THR C 26 4.44 5.05 22.51
C THR C 26 4.95 3.96 23.46
N GLN C 27 5.26 2.79 22.90
CA GLN C 27 5.87 1.70 23.65
C GLN C 27 7.33 1.56 23.22
N LEU C 28 8.22 1.61 24.20
CA LEU C 28 9.64 1.39 24.01
C LEU C 28 10.14 0.20 24.82
N THR C 29 10.69 -0.78 24.12
CA THR C 29 11.19 -1.97 24.76
C THR C 29 12.68 -2.14 24.50
N VAL C 30 13.43 -2.35 25.57
CA VAL C 30 14.87 -2.56 25.48
C VAL C 30 15.21 -3.85 26.23
N ILE C 31 15.70 -4.83 25.49
CA ILE C 31 16.07 -6.10 26.12
C ILE C 31 17.49 -6.42 25.72
N GLY C 32 18.38 -6.43 26.70
CA GLY C 32 19.80 -6.70 26.44
C GLY C 32 20.75 -5.82 27.22
N ASN C 33 21.97 -5.72 26.72
CA ASN C 33 23.05 -5.11 27.46
C ASN C 33 23.73 -4.00 26.66
N ASN C 34 24.15 -2.95 27.37
CA ASN C 34 24.93 -1.89 26.77
C ASN C 34 24.17 -1.21 25.63
N ASN C 35 22.87 -1.04 25.79
CA ASN C 35 22.05 -0.40 24.77
C ASN C 35 21.84 1.04 25.18
N SER C 36 21.63 1.93 24.20
CA SER C 36 21.54 3.34 24.50
C SER C 36 20.41 3.96 23.68
N VAL C 37 19.52 4.65 24.39
CA VAL C 37 18.41 5.33 23.79
C VAL C 37 18.50 6.77 24.17
N TYR C 38 18.53 7.63 23.16
CA TYR C 38 18.43 9.06 23.38
C TYR C 38 17.30 9.71 22.56
N ILE C 39 16.50 10.51 23.25
CA ILE C 39 15.47 11.33 22.65
C ILE C 39 15.62 12.74 23.21
N GLY C 40 15.82 13.71 22.32
CA GLY C 40 16.24 15.05 22.71
C GLY C 40 15.06 15.93 23.05
N ASN C 41 15.28 17.24 23.02
CA ASN C 41 14.30 18.19 23.49
C ASN C 41 13.21 18.54 22.48
N ASN C 42 12.02 18.78 23.04
CA ASN C 42 10.80 19.13 22.30
C ASN C 42 10.45 18.16 21.18
N CYS C 43 10.71 16.87 21.40
CA CYS C 43 10.28 15.86 20.46
C CYS C 43 8.84 15.43 20.73
N LYS C 44 8.19 14.90 19.68
CA LYS C 44 6.88 14.28 19.82
C LYS C 44 6.99 12.92 19.19
N ILE C 45 7.22 11.90 20.00
CA ILE C 45 7.28 10.54 19.53
C ILE C 45 6.03 9.80 19.99
N VAL C 46 5.01 9.77 19.15
CA VAL C 46 3.72 9.31 19.59
C VAL C 46 3.22 8.10 18.80
N SER C 47 2.48 7.25 19.51
CA SER C 47 1.75 6.13 18.92
C SER C 47 2.72 5.21 18.21
N SER C 48 3.93 5.11 18.75
CA SER C 48 4.98 4.34 18.11
C SER C 48 5.31 3.06 18.88
N ASN C 49 5.91 2.11 18.19
CA ASN C 49 6.30 0.82 18.78
C ASN C 49 7.77 0.60 18.47
N ILE C 50 8.60 0.75 19.49
CA ILE C 50 10.03 0.73 19.34
C ILE C 50 10.65 -0.35 20.18
N ARG C 51 11.39 -1.24 19.52
CA ARG C 51 12.00 -2.40 20.14
C ARG C 51 13.48 -2.50 19.86
N LEU C 52 14.26 -2.57 20.93
CA LEU C 52 15.68 -2.91 20.85
C LEU C 52 15.95 -4.25 21.53
N LYS C 53 16.30 -5.25 20.76
CA LYS C 53 16.58 -6.55 21.36
C LYS C 53 17.97 -6.98 20.96
N GLY C 54 18.86 -7.02 21.94
CA GLY C 54 20.24 -7.41 21.70
C GLY C 54 21.22 -6.58 22.50
N ASN C 55 22.48 -6.58 22.07
CA ASN C 55 23.53 -5.88 22.78
C ASN C 55 24.08 -4.75 21.99
N ASN C 56 24.46 -3.68 22.69
CA ASN C 56 25.19 -2.57 22.08
C ASN C 56 24.38 -1.91 21.00
N ILE C 57 23.10 -1.68 21.25
CA ILE C 57 22.23 -1.07 20.26
C ILE C 57 22.11 0.43 20.57
N THR C 58 22.11 1.24 19.51
CA THR C 58 22.01 2.69 19.67
C THR C 58 20.84 3.30 18.97
N LEU C 59 19.97 3.96 19.73
CA LEU C 59 18.89 4.77 19.14
C LEU C 59 19.09 6.25 19.53
N PHE C 60 19.28 7.11 18.52
CA PHE C 60 19.54 8.52 18.80
C PHE C 60 18.61 9.40 18.00
N ILE C 61 17.75 10.12 18.70
CA ILE C 61 16.81 11.02 18.04
C ILE C 61 17.02 12.42 18.59
N ALA C 62 17.38 13.35 17.71
CA ALA C 62 17.79 14.70 18.14
C ALA C 62 16.60 15.59 18.50
N ASP C 63 16.88 16.86 18.76
CA ASP C 63 15.84 17.83 19.09
C ASP C 63 14.80 18.01 17.97
N ASP C 64 13.58 18.34 18.38
CA ASP C 64 12.55 18.85 17.47
C ASP C 64 12.19 17.83 16.41
N VAL C 65 12.29 16.56 16.76
CA VAL C 65 11.84 15.49 15.90
C VAL C 65 10.43 15.07 16.27
N GLU C 66 9.62 14.86 15.25
CA GLU C 66 8.23 14.50 15.42
C GLU C 66 7.97 13.25 14.61
N ILE C 67 7.48 12.24 15.31
CA ILE C 67 7.27 10.93 14.74
C ILE C 67 5.89 10.47 15.18
N MET C 68 5.17 9.89 14.24
CA MET C 68 3.84 9.41 14.56
C MET C 68 3.57 8.06 13.92
N GLY C 69 3.41 7.05 14.77
CA GLY C 69 3.14 5.69 14.35
C GLY C 69 4.34 5.06 13.70
N LEU C 70 5.53 5.22 14.27
CA LEU C 70 6.69 4.50 13.76
C LEU C 70 6.74 3.09 14.39
N VAL C 71 6.91 2.07 13.55
CA VAL C 71 7.20 0.73 14.07
C VAL C 71 8.66 0.44 13.76
N CYS C 72 9.42 0.22 14.80
CA CYS C 72 10.87 0.17 14.68
C CYS C 72 11.46 -0.99 15.46
N SER C 73 12.27 -1.76 14.78
CA SER C 73 12.82 -2.98 15.32
C SER C 73 14.32 -2.98 15.06
N LEU C 74 15.11 -2.98 16.13
CA LEU C 74 16.57 -2.94 16.05
C LEU C 74 17.15 -4.16 16.76
N HIS C 75 18.09 -4.84 16.10
CA HIS C 75 18.72 -6.02 16.67
C HIS C 75 20.15 -5.69 17.14
N SER C 76 20.90 -6.67 17.65
CA SER C 76 22.07 -6.32 18.44
C SER C 76 23.14 -5.66 17.57
N ASP C 77 23.86 -4.70 18.16
CA ASP C 77 24.93 -3.99 17.45
C ASP C 77 24.40 -3.12 16.31
N CYS C 78 23.12 -2.78 16.38
CA CYS C 78 22.51 -1.97 15.34
C CYS C 78 22.34 -0.53 15.81
N SER C 79 22.18 0.39 14.86
CA SER C 79 21.94 1.78 15.24
C SER C 79 21.07 2.58 14.29
N LEU C 80 20.21 3.37 14.92
CA LEU C 80 19.39 4.31 14.22
C LEU C 80 19.65 5.70 14.76
N GLN C 81 19.84 6.62 13.83
CA GLN C 81 20.18 8.00 14.12
C GLN C 81 19.31 8.95 13.30
N ILE C 82 18.57 9.81 13.99
CA ILE C 82 17.65 10.75 13.35
C ILE C 82 17.99 12.15 13.85
N GLN C 83 18.35 13.03 12.91
CA GLN C 83 18.85 14.33 13.31
C GLN C 83 17.73 15.34 13.45
N ALA C 84 18.10 16.53 13.93
CA ALA C 84 17.15 17.56 14.35
C ALA C 84 16.13 17.99 13.29
N LYS C 85 14.92 18.24 13.78
CA LYS C 85 13.81 18.80 13.03
C LYS C 85 13.18 17.88 12.00
N THR C 86 13.58 16.62 11.98
CA THR C 86 12.98 15.69 11.06
C THR C 86 11.58 15.32 11.50
N THR C 87 10.66 15.21 10.55
CA THR C 87 9.28 14.80 10.84
C THR C 87 8.94 13.53 10.07
N MET C 88 8.23 12.64 10.75
CA MET C 88 7.84 11.34 10.18
C MET C 88 6.41 10.94 10.56
N GLY C 89 5.59 10.55 9.57
CA GLY C 89 4.28 9.93 9.85
C GLY C 89 4.38 8.41 10.07
N ASN C 90 3.31 7.68 9.76
CA ASN C 90 3.30 6.24 10.01
C ASN C 90 4.31 5.54 9.15
N GLY C 91 4.95 4.51 9.67
CA GLY C 91 5.97 3.83 8.90
C GLY C 91 6.75 2.78 9.68
N GLU C 92 7.73 2.19 9.00
CA GLU C 92 8.45 1.06 9.55
C GLU C 92 9.92 1.23 9.26
N ILE C 93 10.72 1.00 10.29
CA ILE C 93 12.16 0.96 10.13
C ILE C 93 12.73 -0.28 10.82
N THR C 94 13.52 -1.04 10.08
CA THR C 94 14.00 -2.32 10.57
C THR C 94 15.48 -2.40 10.32
N ILE C 95 16.24 -2.71 11.37
CA ILE C 95 17.70 -2.89 11.24
C ILE C 95 18.19 -4.19 11.87
N ALA C 96 18.88 -4.99 11.07
CA ALA C 96 19.49 -6.23 11.52
C ALA C 96 20.92 -6.34 10.97
N GLU C 97 21.50 -7.50 11.16
CA GLU C 97 22.83 -7.80 10.68
C GLU C 97 23.82 -6.75 11.17
N LYS C 98 23.64 -6.29 12.40
CA LYS C 98 24.50 -5.28 13.02
C LYS C 98 24.82 -4.09 12.11
N GLY C 99 23.81 -3.51 11.47
CA GLY C 99 24.04 -2.38 10.60
C GLY C 99 23.54 -1.07 11.19
N LYS C 100 23.43 -0.09 10.32
CA LYS C 100 23.16 1.27 10.73
C LYS C 100 22.28 1.92 9.66
N ILE C 101 21.35 2.73 10.13
CA ILE C 101 20.52 3.56 9.28
C ILE C 101 20.63 4.99 9.84
N SER C 102 20.94 5.94 8.96
CA SER C 102 21.02 7.39 9.33
C SER C 102 19.99 8.23 8.58
N ILE C 103 19.32 9.11 9.31
CA ILE C 103 18.37 10.07 8.73
C ILE C 103 18.82 11.46 9.16
N GLY C 104 19.05 12.35 8.20
CA GLY C 104 19.72 13.66 8.47
C GLY C 104 18.77 14.74 9.00
N LYS C 105 19.24 15.99 9.04
CA LYS C 105 18.44 17.12 9.57
C LYS C 105 17.29 17.51 8.67
N ASP C 106 16.23 17.93 9.33
CA ASP C 106 15.08 18.49 8.67
C ASP C 106 14.56 17.61 7.51
N CYS C 107 14.45 16.30 7.73
CA CYS C 107 13.84 15.43 6.74
C CYS C 107 12.33 15.41 6.99
N MET C 108 11.59 15.03 5.97
CA MET C 108 10.14 14.99 6.01
C MET C 108 9.71 13.66 5.37
N LEU C 109 9.23 12.76 6.20
CA LEU C 109 8.84 11.41 5.73
C LEU C 109 7.32 11.23 5.82
N ALA C 110 6.67 11.13 4.68
CA ALA C 110 5.24 10.95 4.64
C ALA C 110 4.80 9.53 5.04
N HIS C 111 3.52 9.42 5.36
CA HIS C 111 2.91 8.19 5.85
C HIS C 111 3.25 7.05 4.92
N GLY C 112 3.59 5.91 5.50
CA GLY C 112 3.78 4.68 4.73
C GLY C 112 5.19 4.27 4.35
N TYR C 113 6.22 4.92 4.90
CA TYR C 113 7.61 4.59 4.49
C TYR C 113 8.00 3.23 5.07
N GLU C 114 8.81 2.49 4.33
CA GLU C 114 9.41 1.25 4.77
C GLU C 114 10.90 1.43 4.50
N ILE C 115 11.68 1.44 5.57
CA ILE C 115 13.12 1.62 5.46
C ILE C 115 13.84 0.46 6.15
N ARG C 116 14.78 -0.18 5.47
CA ARG C 116 15.54 -1.23 6.12
C ARG C 116 16.88 -1.51 5.46
N ASN C 117 17.77 -2.09 6.24
CA ASN C 117 19.12 -2.36 5.79
C ASN C 117 19.31 -3.85 5.48
N THR C 118 18.21 -4.58 5.48
CA THR C 118 18.28 -6.03 5.47
C THR C 118 17.06 -6.61 4.75
N ASP C 119 17.26 -7.80 4.18
CA ASP C 119 16.17 -8.53 3.57
C ASP C 119 15.48 -9.42 4.62
N MET C 120 16.06 -9.51 5.81
CA MET C 120 15.53 -10.33 6.92
C MET C 120 15.69 -11.84 6.75
N HIS C 121 16.02 -12.25 5.54
CA HIS C 121 16.12 -13.66 5.25
C HIS C 121 17.19 -13.86 4.19
N PRO C 122 17.97 -14.94 4.30
CA PRO C 122 19.11 -15.13 3.45
C PRO C 122 18.74 -15.62 2.07
N ILE C 123 19.51 -15.16 1.08
CA ILE C 123 19.52 -15.74 -0.26
C ILE C 123 20.91 -16.33 -0.55
N TYR C 124 21.00 -17.58 -0.95
CA TYR C 124 22.30 -18.22 -1.19
C TYR C 124 22.49 -18.54 -2.67
N SER C 125 23.75 -18.57 -3.11
CA SER C 125 24.09 -19.01 -4.48
C SER C 125 24.07 -20.54 -4.59
N LEU C 126 23.47 -21.04 -5.67
CA LEU C 126 23.49 -22.47 -5.95
C LEU C 126 24.86 -22.93 -6.43
N GLU C 127 25.75 -22.00 -6.75
CA GLU C 127 27.07 -22.39 -7.22
C GLU C 127 28.00 -22.83 -6.07
N ASN C 128 27.93 -22.13 -4.94
CA ASN C 128 28.86 -22.40 -3.83
C ASN C 128 28.19 -22.35 -2.46
N GLY C 129 26.88 -22.22 -2.43
CA GLY C 129 26.10 -22.28 -1.19
C GLY C 129 26.23 -21.05 -0.31
N GLU C 130 26.99 -20.07 -0.80
CA GLU C 130 27.28 -18.88 -0.03
C GLU C 130 26.10 -17.90 -0.05
N ARG C 131 25.96 -17.14 1.03
CA ARG C 131 24.99 -16.03 1.12
C ARG C 131 25.39 -14.85 0.20
N ILE C 132 24.47 -14.35 -0.62
CA ILE C 132 24.81 -13.22 -1.50
C ILE C 132 24.00 -11.94 -1.26
N ASN C 133 23.10 -11.95 -0.27
CA ASN C 133 22.29 -10.77 0.07
C ASN C 133 22.51 -10.21 1.50
N HIS C 134 23.77 -9.99 1.87
CA HIS C 134 24.11 -9.45 3.18
C HIS C 134 23.55 -8.02 3.37
N GLY C 135 23.18 -7.69 4.60
CA GLY C 135 22.66 -6.37 4.90
C GLY C 135 23.67 -5.30 4.54
N LYS C 136 23.21 -4.07 4.38
CA LYS C 136 24.09 -2.93 4.06
C LYS C 136 23.44 -1.66 4.58
N ASP C 137 24.25 -0.74 5.09
CA ASP C 137 23.74 0.47 5.71
C ASP C 137 22.90 1.34 4.77
N VAL C 138 22.03 2.13 5.37
CA VAL C 138 21.20 3.06 4.64
C VAL C 138 21.51 4.44 5.14
N ILE C 139 21.70 5.38 4.21
CA ILE C 139 21.93 6.75 4.61
C ILE C 139 21.00 7.68 3.88
N ILE C 140 20.14 8.34 4.64
CA ILE C 140 19.24 9.32 4.09
C ILE C 140 19.78 10.68 4.48
N GLY C 141 20.17 11.47 3.49
CA GLY C 141 20.87 12.74 3.76
C GLY C 141 19.97 13.82 4.42
N ASN C 142 20.53 15.01 4.59
CA ASN C 142 19.81 16.15 5.13
C ASN C 142 18.78 16.64 4.17
N HIS C 143 17.63 17.05 4.73
CA HIS C 143 16.57 17.71 4.00
C HIS C 143 16.13 16.83 2.87
N VAL C 144 15.75 15.61 3.21
CA VAL C 144 15.16 14.68 2.24
C VAL C 144 13.69 14.53 2.55
N TRP C 145 12.89 14.63 1.49
CA TRP C 145 11.43 14.46 1.58
C TRP C 145 11.06 13.16 0.88
N LEU C 146 10.50 12.23 1.64
CA LEU C 146 9.95 10.98 1.10
C LEU C 146 8.47 11.14 1.00
N GLY C 147 7.93 10.99 -0.21
CA GLY C 147 6.51 11.01 -0.42
C GLY C 147 5.88 9.79 0.16
N ARG C 148 4.57 9.67 -0.04
CA ARG C 148 3.82 8.59 0.55
C ARG C 148 4.28 7.25 0.05
N ASN C 149 4.26 6.28 0.96
CA ASN C 149 4.49 4.88 0.66
C ASN C 149 5.77 4.65 -0.10
N VAL C 150 6.86 5.25 0.37
CA VAL C 150 8.18 5.06 -0.21
C VAL C 150 8.95 3.96 0.54
N THR C 151 9.66 3.14 -0.21
CA THR C 151 10.41 2.03 0.33
C THR C 151 11.88 2.27 0.05
N ILE C 152 12.67 2.23 1.12
CA ILE C 152 14.10 2.37 1.01
C ILE C 152 14.81 1.10 1.48
N LEU C 153 15.54 0.46 0.58
CA LEU C 153 16.10 -0.84 0.87
C LEU C 153 17.59 -0.76 1.12
N LYS C 154 18.19 -1.94 1.31
CA LYS C 154 19.51 -2.01 1.89
C LYS C 154 20.52 -1.33 0.99
N GLY C 155 21.52 -0.71 1.60
CA GLY C 155 22.61 -0.06 0.86
C GLY C 155 22.32 1.31 0.27
N VAL C 156 21.10 1.77 0.38
CA VAL C 156 20.70 2.99 -0.32
C VAL C 156 21.16 4.25 0.43
N CYS C 157 21.93 5.07 -0.28
CA CYS C 157 22.30 6.40 0.18
C CYS C 157 21.58 7.44 -0.65
N ILE C 158 20.90 8.34 0.05
CA ILE C 158 20.17 9.44 -0.59
C ILE C 158 20.85 10.80 -0.32
N PRO C 159 21.21 11.51 -1.39
CA PRO C 159 21.89 12.79 -1.20
C PRO C 159 20.97 13.81 -0.51
N ASN C 160 21.57 14.90 -0.04
CA ASN C 160 20.90 16.04 0.56
C ASN C 160 19.93 16.70 -0.40
N ASN C 161 18.86 17.27 0.15
CA ASN C 161 17.89 18.05 -0.64
C ASN C 161 17.35 17.27 -1.83
N VAL C 162 16.66 16.19 -1.53
CA VAL C 162 16.08 15.31 -2.53
C VAL C 162 14.65 15.05 -2.15
N VAL C 163 13.80 15.01 -3.16
CA VAL C 163 12.42 14.60 -3.02
C VAL C 163 12.28 13.24 -3.69
N VAL C 164 11.70 12.29 -2.98
CA VAL C 164 11.38 10.99 -3.57
C VAL C 164 9.88 10.87 -3.78
N GLY C 165 9.47 10.62 -5.01
CA GLY C 165 8.07 10.59 -5.38
C GLY C 165 7.34 9.43 -4.75
N SER C 166 6.06 9.66 -4.49
CA SER C 166 5.24 8.71 -3.78
C SER C 166 5.20 7.31 -4.46
N HIS C 167 5.16 6.27 -3.65
CA HIS C 167 5.20 4.86 -4.08
C HIS C 167 6.48 4.40 -4.78
N THR C 168 7.55 5.17 -4.67
CA THR C 168 8.83 4.77 -5.26
C THR C 168 9.60 3.84 -4.34
N VAL C 169 10.19 2.80 -4.94
CA VAL C 169 11.09 1.89 -4.27
C VAL C 169 12.53 2.24 -4.69
N LEU C 170 13.41 2.51 -3.72
CA LEU C 170 14.84 2.71 -4.03
C LEU C 170 15.65 1.44 -3.69
N TYR C 171 16.32 0.87 -4.69
CA TYR C 171 17.14 -0.32 -4.52
C TYR C 171 18.62 0.06 -4.50
N LYS C 172 18.91 1.22 -5.08
CA LYS C 172 20.28 1.71 -5.33
C LYS C 172 20.48 3.15 -4.82
N SER C 173 21.74 3.51 -4.56
CA SER C 173 22.13 4.86 -4.18
C SER C 173 22.10 5.82 -5.36
N PHE C 174 21.90 7.10 -5.05
CA PHE C 174 22.04 8.22 -6.00
C PHE C 174 23.10 9.18 -5.44
N LYS C 175 23.70 10.00 -6.30
CA LYS C 175 24.75 10.93 -5.87
C LYS C 175 24.35 12.39 -6.09
N GLU C 176 23.43 12.63 -7.00
CA GLU C 176 23.08 14.01 -7.29
C GLU C 176 22.11 14.61 -6.29
N PRO C 177 22.49 15.74 -5.69
CA PRO C 177 21.61 16.43 -4.77
C PRO C 177 20.61 17.33 -5.50
N ASN C 178 19.65 17.89 -4.78
CA ASN C 178 18.78 18.94 -5.31
C ASN C 178 17.89 18.41 -6.43
N CYS C 179 17.39 17.19 -6.28
CA CYS C 179 16.59 16.62 -7.34
C CYS C 179 15.33 15.88 -6.85
N VAL C 180 14.49 15.49 -7.81
CA VAL C 180 13.36 14.62 -7.55
C VAL C 180 13.59 13.26 -8.17
N ILE C 181 13.39 12.22 -7.37
CA ILE C 181 13.56 10.86 -7.81
C ILE C 181 12.21 10.14 -7.73
N ALA C 182 11.81 9.46 -8.80
CA ALA C 182 10.49 8.82 -8.84
C ALA C 182 10.49 7.77 -9.90
N GLY C 183 9.47 6.94 -9.88
CA GLY C 183 9.28 5.96 -10.93
C GLY C 183 9.75 4.56 -10.58
N SER C 184 9.60 3.67 -11.55
CA SER C 184 9.93 2.27 -11.38
C SER C 184 10.42 1.77 -12.72
N PRO C 185 11.73 1.69 -12.87
CA PRO C 185 12.60 1.91 -11.73
C PRO C 185 12.92 3.38 -11.41
N ALA C 186 13.39 3.58 -10.19
CA ALA C 186 13.64 4.90 -9.64
C ALA C 186 14.66 5.68 -10.49
N LYS C 187 14.23 6.79 -11.07
CA LYS C 187 15.18 7.64 -11.78
C LYS C 187 14.94 9.11 -11.43
N ILE C 188 16.00 9.90 -11.62
CA ILE C 188 15.93 11.34 -11.43
C ILE C 188 14.96 11.87 -12.47
N VAL C 189 13.95 12.63 -12.07
CA VAL C 189 12.95 13.11 -13.02
C VAL C 189 12.92 14.62 -13.08
N LYS C 190 13.59 15.25 -12.13
CA LYS C 190 13.67 16.71 -12.10
C LYS C 190 14.95 17.06 -11.35
N GLU C 191 15.71 18.00 -11.90
CA GLU C 191 16.98 18.42 -11.36
C GLU C 191 16.94 19.86 -10.89
N ASN C 192 17.84 20.21 -9.98
CA ASN C 192 17.98 21.59 -9.60
C ASN C 192 16.83 22.23 -8.87
N ILE C 193 16.37 21.61 -7.80
CA ILE C 193 15.22 22.11 -7.12
C ILE C 193 15.55 22.15 -5.65
N VAL C 194 14.65 22.75 -4.88
CA VAL C 194 14.76 22.71 -3.44
C VAL C 194 13.34 22.67 -2.95
N TRP C 195 13.08 21.81 -1.97
CA TRP C 195 11.75 21.68 -1.39
C TRP C 195 11.66 22.38 -0.04
N GLY C 196 10.44 22.74 0.35
CA GLY C 196 10.20 23.41 1.61
C GLY C 196 8.94 22.85 2.21
N ARG C 197 8.63 23.25 3.44
CA ARG C 197 7.47 22.71 4.14
C ARG C 197 6.16 23.50 3.94
N LYS C 198 6.27 24.80 3.72
CA LYS C 198 5.13 25.74 3.79
C LYS C 198 4.69 26.25 2.44
N MET C 199 3.48 25.89 2.05
CA MET C 199 2.96 26.29 0.75
C MET C 199 2.65 27.81 0.70
N TYR C 200 2.47 28.46 1.85
CA TYR C 200 2.09 29.87 1.84
C TYR C 200 3.23 30.80 1.37
N HIS C 201 4.49 30.40 1.48
CA HIS C 201 5.60 31.21 0.94
C HIS C 201 5.58 31.40 -0.59
N SER C 202 5.90 32.60 -1.04
CA SER C 202 5.91 32.87 -2.48
C SER C 202 7.08 32.16 -3.17
N THR C 203 8.25 32.22 -2.55
CA THR C 203 9.49 31.77 -3.20
C THR C 203 10.40 31.13 -2.18
N MET C 204 11.46 30.47 -2.64
CA MET C 204 12.39 29.84 -1.72
C MET C 204 13.07 30.85 -0.82
N TYR C 205 13.22 32.08 -1.31
CA TYR C 205 13.92 33.15 -0.58
C TYR C 205 13.11 33.56 0.63
N ASP C 206 11.83 33.21 0.62
CA ASP C 206 10.96 33.59 1.72
C ASP C 206 11.05 32.63 2.88
N ASP C 207 11.78 31.53 2.68
CA ASP C 207 11.88 30.50 3.71
C ASP C 207 13.33 30.46 4.21
N PRO C 208 13.56 31.01 5.40
CA PRO C 208 14.91 31.11 5.93
C PRO C 208 15.60 29.76 6.08
N THR C 209 14.83 28.68 6.27
CA THR C 209 15.46 27.36 6.45
C THR C 209 16.14 26.89 5.17
N LEU C 210 15.87 27.55 4.05
CA LEU C 210 16.39 27.05 2.79
C LEU C 210 17.66 27.75 2.29
N ASN C 211 18.07 28.83 2.98
CA ASN C 211 19.28 29.57 2.61
C ASN C 211 20.44 28.62 2.29
N GLU C 212 20.73 27.68 3.17
CA GLU C 212 21.92 26.88 3.00
C GLU C 212 21.96 26.06 1.70
N PHE C 213 20.81 25.86 1.04
CA PHE C 213 20.71 24.93 -0.10
C PHE C 213 20.83 25.62 -1.46
N TYR C 214 20.78 26.94 -1.48
CA TYR C 214 20.95 27.64 -2.73
C TYR C 214 22.00 28.71 -2.59
N LYS C 215 22.40 28.99 -1.35
CA LYS C 215 23.39 30.03 -1.07
C LYS C 215 22.88 31.43 -1.43
#